data_7HB7
#
_entry.id   7HB7
#
_cell.length_a   70.280
_cell.length_b   88.230
_cell.length_c   96.750
_cell.angle_alpha   90.000
_cell.angle_beta   90.000
_cell.angle_gamma   90.000
#
_symmetry.space_group_name_H-M   'I 2 2 2'
#
loop_
_entity.id
_entity.type
_entity.pdbx_description
1 polymer 'Heat shock protein HSP 90-alpha'
2 non-polymer 2,2-dimethyl-2,3-dihydro-1-benzofuran-7-carboxamide
#
_entity_poly.entity_id   1
_entity_poly.type   'polypeptide(L)'
_entity_poly.pdbx_seq_one_letter_code
;MDQPMEEEEVETFAFQAEIAQLMSLIINTFYSNKEIFLRELISNSSDALDKIRYESLTDPSKLDSGKELHINLIPNKQDR
TLTIVDTGIGMTKADLINNLGTIAKSGTKAFMEALQAGADISMIGQFGVGFYSAYLVAEKVTVITKHNDDEQYAWESSAG
GSFTVRTDTGEPMGRGTKVILHLKEDQTEYLEERRIKEIVKKHSQFIGYPITLFVEKERDKEVSDDEAELEHHHHHH
;
_entity_poly.pdbx_strand_id   A
#
loop_
_chem_comp.id
_chem_comp.type
_chem_comp.name
_chem_comp.formula
WP1 non-polymer 2,2-dimethyl-2,3-dihydro-1-benzofuran-7-carboxamide 'C11 H13 N O2'
#
# COMPACT_ATOMS: atom_id res chain seq x y z
N GLU A 9 -10.46 -0.87 -21.33
CA GLU A 9 -11.43 -1.75 -20.69
C GLU A 9 -11.17 -1.84 -19.19
N VAL A 10 -12.12 -1.35 -18.39
CA VAL A 10 -11.99 -1.29 -16.94
C VAL A 10 -13.13 -2.10 -16.33
N GLU A 11 -12.78 -2.98 -15.40
CA GLU A 11 -13.76 -3.78 -14.67
C GLU A 11 -13.94 -3.20 -13.28
N THR A 12 -15.20 -3.08 -12.84
CA THR A 12 -15.53 -2.56 -11.52
C THR A 12 -15.99 -3.70 -10.64
N PHE A 13 -15.42 -3.80 -9.43
CA PHE A 13 -15.72 -4.85 -8.49
C PHE A 13 -16.32 -4.25 -7.22
N ALA A 14 -17.07 -5.07 -6.50
CA ALA A 14 -17.67 -4.67 -5.23
C ALA A 14 -16.85 -5.25 -4.09
N PHE A 15 -16.37 -4.38 -3.20
CA PHE A 15 -15.62 -4.83 -2.04
C PHE A 15 -16.47 -5.76 -1.18
N GLN A 16 -15.82 -6.71 -0.53
CA GLN A 16 -16.51 -7.54 0.44
C GLN A 16 -17.09 -6.67 1.55
N ALA A 17 -18.24 -7.10 2.07
CA ALA A 17 -18.94 -6.30 3.07
C ALA A 17 -18.03 -6.00 4.27
N GLU A 18 -17.29 -6.99 4.74
CA GLU A 18 -16.40 -6.78 5.88
C GLU A 18 -15.33 -5.75 5.57
N ILE A 19 -14.75 -5.81 4.37
CA ILE A 19 -13.73 -4.84 4.00
C ILE A 19 -14.35 -3.45 3.84
N ALA A 20 -15.54 -3.37 3.26
CA ALA A 20 -16.19 -2.09 3.06
C ALA A 20 -16.47 -1.39 4.39
N GLN A 21 -16.88 -2.16 5.41
CA GLN A 21 -17.09 -1.57 6.73
C GLN A 21 -15.78 -1.15 7.38
N LEU A 22 -14.68 -1.84 7.06
CA LEU A 22 -13.38 -1.49 7.64
C LEU A 22 -12.93 -0.13 7.13
N MET A 23 -13.01 0.09 5.81
CA MET A 23 -12.57 1.35 5.23
C MET A 23 -13.43 2.51 5.72
N SER A 24 -14.74 2.38 5.61
CA SER A 24 -15.64 3.44 6.07
C SER A 24 -15.37 3.82 7.52
N LEU A 25 -15.01 2.84 8.35
CA LEU A 25 -14.59 3.13 9.71
C LEU A 25 -13.28 3.92 9.72
N ILE A 26 -12.37 3.61 8.79
CA ILE A 26 -11.07 4.27 8.78
C ILE A 26 -11.21 5.73 8.37
N ILE A 27 -12.05 6.02 7.38
CA ILE A 27 -12.19 7.39 6.89
C ILE A 27 -12.99 8.24 7.88
N ASN A 28 -14.01 7.65 8.50
CA ASN A 28 -14.96 8.43 9.30
C ASN A 28 -14.58 8.54 10.77
N THR A 29 -13.78 7.63 11.31
CA THR A 29 -13.41 7.70 12.72
C THR A 29 -12.42 8.84 12.94
N PHE A 30 -12.74 9.72 13.88
CA PHE A 30 -11.86 10.83 14.24
C PHE A 30 -10.63 10.27 14.93
N TYR A 31 -9.50 10.25 14.22
CA TYR A 31 -8.27 9.67 14.73
C TYR A 31 -7.10 10.55 14.28
N SER A 32 -6.30 11.01 15.25
CA SER A 32 -5.29 12.03 14.98
C SER A 32 -3.91 11.46 14.68
N ASN A 33 -3.62 10.22 15.09
CA ASN A 33 -2.31 9.65 14.84
C ASN A 33 -2.25 9.01 13.45
N LYS A 34 -2.59 9.79 12.42
CA LYS A 34 -2.68 9.26 11.06
C LYS A 34 -1.32 8.92 10.46
N GLU A 35 -0.21 9.30 11.11
CA GLU A 35 1.11 9.06 10.55
C GLU A 35 1.47 7.59 10.46
N ILE A 36 0.71 6.70 11.11
CA ILE A 36 1.03 5.29 11.10
C ILE A 36 0.78 4.62 9.76
N PHE A 37 0.13 5.32 8.83
CA PHE A 37 -0.14 4.74 7.52
C PHE A 37 1.15 4.47 6.75
N LEU A 38 2.14 5.35 6.90
CA LEU A 38 3.41 5.16 6.20
C LEU A 38 4.17 3.96 6.73
N ARG A 39 4.06 3.68 8.03
CA ARG A 39 4.72 2.52 8.61
C ARG A 39 4.15 1.23 8.05
N GLU A 40 2.84 1.18 7.84
CA GLU A 40 2.22 -0.04 7.32
C GLU A 40 2.55 -0.26 5.85
N LEU A 41 2.50 0.80 5.04
CA LEU A 41 2.81 0.67 3.63
C LEU A 41 4.27 0.30 3.41
N ILE A 42 5.17 0.85 4.21
CA ILE A 42 6.58 0.48 4.13
C ILE A 42 6.78 -0.95 4.60
N SER A 43 6.06 -1.35 5.65
CA SER A 43 6.12 -2.74 6.10
C SER A 43 5.55 -3.68 5.05
N ASN A 44 4.49 -3.25 4.34
CA ASN A 44 3.97 -4.04 3.24
C ASN A 44 4.99 -4.18 2.12
N SER A 45 5.73 -3.10 1.85
CA SER A 45 6.78 -3.14 0.84
C SER A 45 7.92 -4.05 1.28
N SER A 46 8.24 -4.04 2.57
CA SER A 46 9.29 -4.91 3.09
C SER A 46 8.90 -6.38 2.98
N ASP A 47 7.60 -6.69 3.13
CA ASP A 47 7.15 -8.07 2.96
C ASP A 47 7.24 -8.49 1.51
N ALA A 48 6.89 -7.59 0.58
CA ALA A 48 6.98 -7.91 -0.84
C ALA A 48 8.43 -8.12 -1.28
N LEU A 49 9.36 -7.37 -0.69
CA LEU A 49 10.77 -7.56 -1.04
C LEU A 49 11.33 -8.83 -0.42
N ASP A 50 10.85 -9.21 0.77
CA ASP A 50 11.27 -10.47 1.38
C ASP A 50 10.82 -11.67 0.55
N LYS A 51 9.65 -11.56 -0.10
CA LYS A 51 9.15 -12.68 -0.88
C LYS A 51 9.97 -12.89 -2.14
N ILE A 52 10.19 -11.84 -2.92
CA ILE A 52 10.90 -11.98 -4.19
C ILE A 52 12.36 -12.37 -3.95
N ARG A 53 12.97 -11.88 -2.87
CA ARG A 53 14.33 -12.29 -2.55
C ARG A 53 14.38 -13.74 -2.11
N TYR A 54 13.31 -14.23 -1.46
CA TYR A 54 13.28 -15.61 -1.02
C TYR A 54 13.08 -16.56 -2.20
N GLU A 55 12.26 -16.17 -3.17
CA GLU A 55 12.05 -17.02 -4.35
C GLU A 55 13.28 -17.06 -5.23
N SER A 56 14.06 -15.98 -5.27
CA SER A 56 15.26 -15.96 -6.10
C SER A 56 16.36 -16.85 -5.54
N LEU A 57 16.27 -17.26 -4.28
CA LEU A 57 17.27 -18.15 -3.70
C LEU A 57 17.25 -19.53 -4.33
N THR A 58 16.13 -19.95 -4.90
CA THR A 58 16.02 -21.21 -5.63
C THR A 58 15.76 -20.99 -7.11
N ASP A 59 15.69 -19.74 -7.57
CA ASP A 59 15.46 -19.42 -8.97
C ASP A 59 15.95 -18.00 -9.25
N PRO A 60 17.25 -17.83 -9.54
CA PRO A 60 17.76 -16.48 -9.82
C PRO A 60 17.15 -15.83 -11.06
N SER A 61 16.48 -16.60 -11.91
CA SER A 61 15.85 -16.01 -13.10
C SER A 61 14.65 -15.15 -12.74
N LYS A 62 14.13 -15.27 -11.52
CA LYS A 62 13.02 -14.41 -11.10
C LYS A 62 13.46 -12.96 -10.93
N LEU A 63 14.76 -12.71 -10.80
CA LEU A 63 15.28 -11.36 -10.66
C LEU A 63 15.69 -10.75 -12.00
N ASP A 64 15.36 -11.42 -13.12
CA ASP A 64 15.65 -10.85 -14.43
C ASP A 64 14.87 -9.56 -14.67
N SER A 65 13.72 -9.41 -14.02
CA SER A 65 12.92 -8.19 -14.10
C SER A 65 13.40 -7.11 -13.15
N GLY A 66 14.60 -7.26 -12.57
CA GLY A 66 15.11 -6.28 -11.64
C GLY A 66 15.86 -6.91 -10.48
N LYS A 67 17.12 -6.51 -10.29
CA LYS A 67 17.93 -7.03 -9.19
C LYS A 67 17.89 -6.14 -7.96
N GLU A 68 17.68 -4.84 -8.13
CA GLU A 68 17.66 -3.94 -7.00
C GLU A 68 16.40 -4.15 -6.16
N LEU A 69 16.57 -4.20 -4.85
CA LEU A 69 15.47 -4.36 -3.90
C LEU A 69 15.50 -3.15 -2.97
N HIS A 70 14.62 -2.19 -3.21
CA HIS A 70 14.61 -0.95 -2.45
C HIS A 70 13.18 -0.45 -2.30
N ILE A 71 13.04 0.62 -1.51
CA ILE A 71 11.76 1.30 -1.32
C ILE A 71 11.99 2.79 -1.57
N ASN A 72 11.13 3.38 -2.39
CA ASN A 72 11.25 4.80 -2.75
C ASN A 72 9.98 5.53 -2.34
N LEU A 73 10.16 6.69 -1.71
CA LEU A 73 9.06 7.56 -1.31
C LEU A 73 9.12 8.83 -2.13
N ILE A 74 8.12 9.05 -2.96
CA ILE A 74 8.11 10.15 -3.92
C ILE A 74 6.90 11.03 -3.63
N PRO A 75 7.08 12.11 -2.89
CA PRO A 75 5.98 13.08 -2.72
C PRO A 75 5.91 14.05 -3.89
N ASN A 76 4.68 14.48 -4.18
CA ASN A 76 4.42 15.42 -5.26
C ASN A 76 3.43 16.46 -4.75
N LYS A 77 3.90 17.69 -4.56
CA LYS A 77 3.02 18.74 -4.04
C LYS A 77 2.09 19.30 -5.11
N GLN A 78 2.51 19.28 -6.38
CA GLN A 78 1.64 19.78 -7.44
C GLN A 78 0.43 18.89 -7.63
N ASP A 79 0.65 17.58 -7.78
CA ASP A 79 -0.45 16.64 -7.92
C ASP A 79 -1.06 16.23 -6.58
N ARG A 80 -0.48 16.67 -5.47
CA ARG A 80 -0.94 16.31 -4.12
C ARG A 80 -1.00 14.78 -3.97
N THR A 81 0.11 14.12 -4.32
CA THR A 81 0.20 12.68 -4.23
C THR A 81 1.48 12.29 -3.49
N LEU A 82 1.38 11.24 -2.68
CA LEU A 82 2.53 10.60 -2.05
C LEU A 82 2.64 9.19 -2.60
N THR A 83 3.77 8.86 -3.20
CA THR A 83 3.96 7.59 -3.89
C THR A 83 4.98 6.74 -3.15
N ILE A 84 4.63 5.48 -2.95
CA ILE A 84 5.54 4.49 -2.36
C ILE A 84 5.82 3.43 -3.41
N VAL A 85 7.07 3.33 -3.84
CA VAL A 85 7.48 2.41 -4.89
C VAL A 85 8.42 1.38 -4.27
N ASP A 86 8.11 0.10 -4.47
CA ASP A 86 8.98 -0.99 -4.07
C ASP A 86 9.14 -1.95 -5.24
N THR A 87 10.28 -2.66 -5.24
CA THR A 87 10.59 -3.64 -6.28
C THR A 87 10.38 -5.07 -5.78
N GLY A 88 9.29 -5.30 -5.05
CA GLY A 88 9.02 -6.61 -4.48
C GLY A 88 8.49 -7.59 -5.51
N ILE A 89 7.81 -8.62 -4.99
CA ILE A 89 7.33 -9.71 -5.84
C ILE A 89 6.24 -9.25 -6.80
N GLY A 90 5.53 -8.17 -6.48
CA GLY A 90 4.44 -7.72 -7.32
C GLY A 90 3.13 -8.41 -6.98
N MET A 91 2.11 -8.08 -7.76
CA MET A 91 0.77 -8.61 -7.52
C MET A 91 0.12 -9.01 -8.84
N THR A 92 -0.61 -10.10 -8.82
CA THR A 92 -1.33 -10.60 -9.99
C THR A 92 -2.77 -10.11 -9.98
N LYS A 93 -3.48 -10.36 -11.08
CA LYS A 93 -4.87 -9.96 -11.17
C LYS A 93 -5.73 -10.70 -10.15
N ALA A 94 -5.40 -11.98 -9.90
CA ALA A 94 -6.13 -12.73 -8.89
C ALA A 94 -5.88 -12.17 -7.50
N ASP A 95 -4.64 -11.71 -7.25
CA ASP A 95 -4.32 -11.12 -5.96
C ASP A 95 -5.08 -9.80 -5.77
N LEU A 96 -5.13 -8.98 -6.81
CA LEU A 96 -5.80 -7.68 -6.69
C LEU A 96 -7.31 -7.84 -6.52
N ILE A 97 -7.91 -8.76 -7.26
CA ILE A 97 -9.35 -8.97 -7.23
C ILE A 97 -9.73 -9.79 -6.00
N ASN A 98 -9.38 -11.07 -6.01
CA ASN A 98 -9.70 -11.97 -4.90
C ASN A 98 -8.45 -12.26 -4.09
N ASN A 99 -8.29 -13.51 -3.66
CA ASN A 99 -7.08 -13.97 -2.97
C ASN A 99 -6.72 -13.10 -1.78
N LEU A 100 -6.16 -11.92 -2.03
CA LEU A 100 -5.72 -11.05 -0.95
C LEU A 100 -6.90 -10.60 -0.09
N GLY A 101 -8.05 -10.36 -0.71
CA GLY A 101 -9.24 -10.03 0.07
C GLY A 101 -9.73 -11.20 0.91
N THR A 102 -9.60 -12.41 0.38
CA THR A 102 -9.98 -13.60 1.14
C THR A 102 -9.09 -13.76 2.37
N ILE A 103 -7.81 -13.41 2.24
CA ILE A 103 -6.90 -13.49 3.39
C ILE A 103 -7.25 -12.42 4.41
N ALA A 104 -7.67 -11.24 3.95
CA ALA A 104 -7.93 -10.11 4.84
C ALA A 104 -9.30 -10.14 5.48
N LYS A 105 -10.20 -11.02 5.02
CA LYS A 105 -11.56 -11.04 5.57
C LYS A 105 -11.57 -11.49 7.03
N SER A 106 -10.60 -12.32 7.44
CA SER A 106 -10.51 -12.73 8.83
C SER A 106 -9.79 -11.69 9.67
N GLY A 107 -8.73 -11.08 9.11
CA GLY A 107 -8.05 -10.02 9.83
C GLY A 107 -8.93 -8.80 10.05
N THR A 108 -9.87 -8.56 9.14
CA THR A 108 -10.81 -7.46 9.33
C THR A 108 -11.77 -7.76 10.47
N LYS A 109 -12.35 -8.97 10.49
CA LYS A 109 -13.26 -9.35 11.56
C LYS A 109 -12.59 -9.27 12.92
N ALA A 110 -11.36 -9.77 13.02
CA ALA A 110 -10.64 -9.71 14.29
C ALA A 110 -10.26 -8.28 14.65
N PHE A 111 -9.96 -7.45 13.65
CA PHE A 111 -9.60 -6.06 13.94
C PHE A 111 -10.79 -5.31 14.54
N MET A 112 -11.97 -5.44 13.93
CA MET A 112 -13.14 -4.75 14.44
C MET A 112 -13.54 -5.24 15.83
N GLU A 113 -13.23 -6.50 16.15
CA GLU A 113 -13.47 -6.99 17.50
C GLU A 113 -12.49 -6.39 18.49
N ALA A 114 -11.25 -6.11 18.05
CA ALA A 114 -10.24 -5.57 18.94
C ALA A 114 -10.45 -4.09 19.22
N LEU A 115 -10.97 -3.33 18.25
CA LEU A 115 -11.22 -1.91 18.48
C LEU A 115 -12.22 -1.69 19.59
N GLN A 116 -13.23 -2.57 19.68
CA GLN A 116 -14.20 -2.46 20.75
C GLN A 116 -13.67 -3.01 22.08
N ALA A 117 -12.58 -3.77 22.04
CA ALA A 117 -11.99 -4.35 23.24
C ALA A 117 -10.89 -3.48 23.83
N GLY A 118 -10.66 -2.29 23.27
CA GLY A 118 -9.70 -1.33 23.80
C GLY A 118 -8.65 -0.89 22.80
N ALA A 119 -8.36 -1.71 21.80
CA ALA A 119 -7.35 -1.40 20.82
C ALA A 119 -7.79 -0.22 19.94
N ASP A 120 -6.81 0.46 19.37
CA ASP A 120 -7.05 1.61 18.50
C ASP A 120 -6.67 1.25 17.06
N ILE A 121 -6.69 2.27 16.19
CA ILE A 121 -6.42 2.03 14.78
C ILE A 121 -4.93 1.75 14.55
N SER A 122 -4.06 2.24 15.42
CA SER A 122 -2.62 2.08 15.24
C SER A 122 -2.19 0.62 15.21
N MET A 123 -3.03 -0.30 15.74
CA MET A 123 -2.72 -1.72 15.72
C MET A 123 -3.29 -2.43 14.51
N ILE A 124 -3.48 -1.71 13.40
CA ILE A 124 -4.06 -2.34 12.20
C ILE A 124 -3.07 -3.29 11.55
N GLY A 125 -1.77 -3.08 11.75
CA GLY A 125 -0.78 -3.92 11.12
C GLY A 125 -0.73 -5.32 11.68
N GLN A 126 -1.13 -5.49 12.95
CA GLN A 126 -1.11 -6.79 13.60
C GLN A 126 -2.19 -7.73 13.07
N PHE A 127 -3.04 -7.27 12.16
CA PHE A 127 -4.11 -8.09 11.60
C PHE A 127 -3.93 -8.35 10.11
N GLY A 128 -2.81 -7.90 9.52
CA GLY A 128 -2.58 -8.13 8.12
C GLY A 128 -3.43 -7.31 7.18
N VAL A 129 -4.01 -6.21 7.67
CA VAL A 129 -4.86 -5.35 6.85
C VAL A 129 -4.33 -3.93 6.90
N GLY A 130 -3.01 -3.79 7.02
CA GLY A 130 -2.40 -2.48 7.20
C GLY A 130 -2.48 -1.56 5.98
N PHE A 131 -2.74 -2.13 4.80
CA PHE A 131 -2.80 -1.29 3.60
C PHE A 131 -4.01 -0.37 3.63
N TYR A 132 -5.13 -0.84 4.18
CA TYR A 132 -6.34 -0.03 4.24
C TYR A 132 -6.18 1.20 5.13
N SER A 133 -5.12 1.25 5.96
CA SER A 133 -4.81 2.46 6.71
C SER A 133 -4.37 3.60 5.81
N ALA A 134 -4.18 3.36 4.51
CA ALA A 134 -3.82 4.42 3.59
C ALA A 134 -4.94 5.44 3.45
N TYR A 135 -6.19 5.01 3.63
CA TYR A 135 -7.35 5.89 3.51
C TYR A 135 -7.52 6.80 4.72
N LEU A 136 -6.64 6.71 5.72
CA LEU A 136 -6.62 7.70 6.79
C LEU A 136 -6.25 9.07 6.25
N VAL A 137 -5.42 9.12 5.22
CA VAL A 137 -4.94 10.39 4.66
C VAL A 137 -5.23 10.55 3.18
N ALA A 138 -5.66 9.49 2.50
CA ALA A 138 -5.88 9.53 1.05
C ALA A 138 -7.36 9.38 0.76
N GLU A 139 -7.88 10.26 -0.10
CA GLU A 139 -9.25 10.13 -0.58
C GLU A 139 -9.36 9.14 -1.74
N LYS A 140 -8.25 8.86 -2.42
CA LYS A 140 -8.23 7.92 -3.53
C LYS A 140 -6.85 7.29 -3.60
N VAL A 141 -6.80 5.97 -3.77
CA VAL A 141 -5.56 5.21 -3.79
C VAL A 141 -5.47 4.48 -5.11
N THR A 142 -4.37 4.68 -5.83
CA THR A 142 -4.09 3.98 -7.08
C THR A 142 -2.89 3.08 -6.89
N VAL A 143 -3.00 1.83 -7.34
CA VAL A 143 -1.95 0.83 -7.19
C VAL A 143 -1.57 0.31 -8.56
N ILE A 144 -0.30 0.47 -8.93
CA ILE A 144 0.24 -0.09 -10.16
C ILE A 144 1.26 -1.16 -9.75
N THR A 145 1.06 -2.38 -10.23
CA THR A 145 1.90 -3.50 -9.84
C THR A 145 2.27 -4.32 -11.06
N LYS A 146 3.32 -5.12 -10.91
CA LYS A 146 3.81 -5.98 -11.99
C LYS A 146 4.40 -7.23 -11.37
N HIS A 147 3.77 -8.38 -11.61
CA HIS A 147 4.25 -9.66 -11.14
C HIS A 147 4.93 -10.41 -12.29
N ASN A 148 5.85 -11.30 -11.93
CA ASN A 148 6.62 -12.03 -12.94
C ASN A 148 5.75 -12.95 -13.79
N ASP A 149 4.56 -13.32 -13.31
CA ASP A 149 3.70 -14.28 -13.99
C ASP A 149 2.41 -13.64 -14.50
N ASP A 150 2.39 -12.32 -14.65
CA ASP A 150 1.19 -11.63 -15.11
C ASP A 150 1.60 -10.32 -15.78
N GLU A 151 0.59 -9.64 -16.34
CA GLU A 151 0.81 -8.35 -16.97
C GLU A 151 0.78 -7.24 -15.93
N GLN A 152 1.03 -6.01 -16.37
CA GLN A 152 0.92 -4.85 -15.50
C GLN A 152 -0.54 -4.44 -15.36
N TYR A 153 -0.98 -4.20 -14.14
CA TYR A 153 -2.36 -3.88 -13.86
C TYR A 153 -2.45 -2.62 -12.99
N ALA A 154 -3.64 -2.03 -12.97
CA ALA A 154 -3.90 -0.79 -12.23
C ALA A 154 -5.08 -1.02 -11.30
N TRP A 155 -4.84 -0.86 -10.00
CA TRP A 155 -5.87 -0.94 -8.98
C TRP A 155 -6.21 0.45 -8.48
N GLU A 156 -7.49 0.74 -8.33
CA GLU A 156 -7.93 2.07 -7.94
C GLU A 156 -9.25 1.99 -7.19
N SER A 157 -9.38 2.81 -6.15
CA SER A 157 -10.62 2.86 -5.38
C SER A 157 -10.65 4.15 -4.57
N SER A 158 -11.77 4.87 -4.65
CA SER A 158 -12.06 6.00 -3.77
C SER A 158 -12.97 5.58 -2.62
N ALA A 159 -12.76 4.36 -2.13
CA ALA A 159 -13.61 3.72 -1.10
C ALA A 159 -15.03 3.65 -1.69
N GLY A 160 -16.06 3.98 -0.91
CA GLY A 160 -17.43 3.90 -1.37
C GLY A 160 -17.97 2.49 -1.54
N GLY A 161 -17.14 1.46 -1.36
CA GLY A 161 -17.59 0.08 -1.47
C GLY A 161 -17.23 -0.62 -2.76
N SER A 162 -16.50 0.05 -3.66
CA SER A 162 -16.16 -0.55 -4.95
C SER A 162 -14.74 -0.16 -5.33
N PHE A 163 -14.14 -0.98 -6.21
CA PHE A 163 -12.82 -0.72 -6.74
C PHE A 163 -12.76 -1.17 -8.19
N THR A 164 -11.80 -0.64 -8.92
CA THR A 164 -11.62 -0.92 -10.34
C THR A 164 -10.27 -1.57 -10.58
N VAL A 165 -10.22 -2.43 -11.60
CA VAL A 165 -9.00 -3.10 -12.01
C VAL A 165 -8.92 -3.05 -13.53
N ARG A 166 -7.78 -2.62 -14.06
CA ARG A 166 -7.59 -2.52 -15.50
C ARG A 166 -6.14 -2.82 -15.84
N THR A 167 -5.90 -3.12 -17.11
CA THR A 167 -4.54 -3.33 -17.60
C THR A 167 -3.85 -1.98 -17.77
N ASP A 168 -2.70 -1.81 -17.13
CA ASP A 168 -1.99 -0.54 -17.18
C ASP A 168 -1.32 -0.33 -18.54
N THR A 169 -1.43 0.88 -19.06
CA THR A 169 -0.84 1.25 -20.34
C THR A 169 0.31 2.24 -20.18
N GLY A 170 0.60 2.69 -18.97
CA GLY A 170 1.63 3.69 -18.73
C GLY A 170 3.04 3.14 -18.84
N GLU A 171 3.95 3.77 -18.09
CA GLU A 171 5.34 3.35 -18.13
C GLU A 171 5.50 1.98 -17.49
N PRO A 172 6.13 1.01 -18.16
CA PRO A 172 6.34 -0.31 -17.56
C PRO A 172 7.20 -0.21 -16.31
N MET A 173 6.94 -1.11 -15.37
CA MET A 173 7.63 -1.13 -14.09
C MET A 173 8.67 -2.23 -13.98
N GLY A 174 8.51 -3.32 -14.73
CA GLY A 174 9.41 -4.45 -14.63
C GLY A 174 8.96 -5.44 -13.58
N ARG A 175 8.94 -5.00 -12.32
CA ARG A 175 8.49 -5.82 -11.20
C ARG A 175 8.37 -4.93 -9.97
N GLY A 176 7.32 -5.16 -9.18
CA GLY A 176 7.13 -4.46 -7.93
C GLY A 176 5.73 -3.92 -7.82
N THR A 177 5.57 -2.89 -6.98
CA THR A 177 4.28 -2.29 -6.71
C THR A 177 4.45 -0.80 -6.49
N LYS A 178 3.58 0.00 -7.09
CA LYS A 178 3.57 1.45 -6.95
C LYS A 178 2.24 1.87 -6.35
N VAL A 179 2.28 2.42 -5.14
CA VAL A 179 1.09 2.85 -4.42
C VAL A 179 1.04 4.37 -4.44
N ILE A 180 0.03 4.92 -5.11
CA ILE A 180 -0.14 6.37 -5.26
C ILE A 180 -1.28 6.82 -4.36
N LEU A 181 -0.96 7.67 -3.39
CA LEU A 181 -1.94 8.18 -2.43
C LEU A 181 -2.36 9.57 -2.84
N HIS A 182 -3.59 9.71 -3.32
CA HIS A 182 -4.17 11.02 -3.59
C HIS A 182 -4.63 11.57 -2.25
N LEU A 183 -3.78 12.38 -1.61
CA LEU A 183 -4.01 12.80 -0.25
C LEU A 183 -5.22 13.72 -0.14
N LYS A 184 -5.79 13.77 1.06
CA LYS A 184 -6.87 14.70 1.34
C LYS A 184 -6.34 16.12 1.42
N GLU A 185 -7.26 17.09 1.37
CA GLU A 185 -6.87 18.49 1.37
C GLU A 185 -6.17 18.88 2.67
N ASP A 186 -6.59 18.29 3.79
CA ASP A 186 -6.05 18.64 5.10
C ASP A 186 -4.93 17.71 5.55
N GLN A 187 -4.42 16.86 4.66
CA GLN A 187 -3.35 15.93 4.99
C GLN A 187 -2.11 16.18 4.15
N THR A 188 -1.90 17.43 3.73
CA THR A 188 -0.76 17.77 2.88
C THR A 188 0.56 17.83 3.65
N GLU A 189 0.53 17.66 4.98
CA GLU A 189 1.77 17.68 5.75
C GLU A 189 2.67 16.50 5.43
N TYR A 190 2.11 15.40 4.91
CA TYR A 190 2.89 14.22 4.58
C TYR A 190 3.59 14.33 3.23
N LEU A 191 3.60 15.53 2.64
CA LEU A 191 4.40 15.82 1.45
C LEU A 191 5.64 16.65 1.78
N GLU A 192 5.80 17.06 3.04
CA GLU A 192 6.95 17.85 3.45
C GLU A 192 8.14 16.95 3.73
N GLU A 193 9.33 17.40 3.33
CA GLU A 193 10.51 16.55 3.41
C GLU A 193 10.88 16.21 4.84
N ARG A 194 10.65 17.13 5.79
CA ARG A 194 11.01 16.85 7.18
C ARG A 194 9.96 16.03 7.91
N ARG A 195 8.71 16.04 7.44
CA ARG A 195 7.68 15.23 8.05
C ARG A 195 7.85 13.76 7.69
N ILE A 196 8.10 13.46 6.41
CA ILE A 196 8.35 12.09 6.00
C ILE A 196 9.60 11.55 6.66
N LYS A 197 10.60 12.40 6.90
CA LYS A 197 11.81 11.96 7.59
C LYS A 197 11.49 11.49 9.01
N GLU A 198 10.77 12.33 9.76
CA GLU A 198 10.43 11.97 11.15
C GLU A 198 9.68 10.66 11.21
N ILE A 199 8.76 10.43 10.27
CA ILE A 199 7.95 9.22 10.30
C ILE A 199 8.80 7.99 9.98
N VAL A 200 9.75 8.12 9.05
CA VAL A 200 10.56 6.98 8.64
C VAL A 200 11.53 6.58 9.75
N LYS A 201 12.22 7.56 10.34
CA LYS A 201 13.20 7.23 11.39
C LYS A 201 12.53 6.79 12.68
N LYS A 202 11.25 7.09 12.86
CA LYS A 202 10.54 6.70 14.07
C LYS A 202 9.79 5.39 13.93
N HIS A 203 9.25 5.09 12.74
CA HIS A 203 8.42 3.93 12.53
C HIS A 203 9.06 2.84 11.69
N SER A 204 9.90 3.19 10.72
CA SER A 204 10.49 2.21 9.79
C SER A 204 12.00 2.37 9.75
N GLN A 205 12.62 2.45 10.93
CA GLN A 205 14.06 2.60 11.05
C GLN A 205 14.80 1.26 11.01
N PHE A 206 14.07 0.14 11.08
CA PHE A 206 14.66 -1.18 11.12
C PHE A 206 14.16 -2.04 9.96
N ILE A 207 14.05 -1.44 8.78
CA ILE A 207 13.65 -2.16 7.57
C ILE A 207 14.91 -2.62 6.86
N GLY A 208 14.94 -3.89 6.44
CA GLY A 208 16.12 -4.48 5.84
C GLY A 208 16.29 -4.14 4.37
N TYR A 209 15.80 -2.99 3.94
CA TYR A 209 15.92 -2.54 2.56
C TYR A 209 16.07 -1.03 2.55
N PRO A 210 16.80 -0.48 1.58
CA PRO A 210 17.01 0.98 1.57
C PRO A 210 15.72 1.72 1.28
N ILE A 211 15.41 2.69 2.14
CA ILE A 211 14.25 3.56 1.99
C ILE A 211 14.76 4.93 1.55
N THR A 212 14.55 5.27 0.29
CA THR A 212 15.07 6.50 -0.29
C THR A 212 13.94 7.52 -0.42
N LEU A 213 14.16 8.70 0.14
CA LEU A 213 13.18 9.79 0.07
C LEU A 213 13.55 10.69 -1.11
N PHE A 214 12.65 10.77 -2.09
CA PHE A 214 12.87 11.61 -3.26
C PHE A 214 12.44 13.03 -2.93
N VAL A 215 13.38 13.95 -2.87
CA VAL A 215 13.07 15.35 -2.56
C VAL A 215 12.70 16.07 -3.86
N GLU A 216 11.86 17.09 -3.72
CA GLU A 216 11.41 17.87 -4.86
C GLU A 216 12.24 19.14 -5.01
N LYS A 217 12.23 19.69 -6.23
CA LYS A 217 12.98 20.90 -6.52
C LYS A 217 12.07 22.05 -6.91
CAG WP1 B . -4.47 -6.91 0.84
CAH WP1 B . -3.24 -6.27 1.51
CAJ WP1 B . -3.59 -5.60 2.81
CAK WP1 B . -2.08 -7.23 1.65
OAI WP1 B . -2.78 -5.20 0.58
CAC WP1 B . -3.62 -5.18 -0.50
CAB WP1 B . -4.63 -6.13 -0.45
CAA WP1 B . -5.55 -6.24 -1.47
CAF WP1 B . -5.45 -5.37 -2.54
CAE WP1 B . -4.45 -4.42 -2.59
CAD WP1 B . -3.50 -4.30 -1.57
CAL WP1 B . -2.45 -3.24 -1.71
OAN WP1 B . -1.52 -3.19 -0.89
NAM WP1 B . -2.55 -2.40 -2.72
#